data_7NC4
#
_entry.id   7NC4
#
_cell.length_a   66.120
_cell.length_b   89.370
_cell.length_c   44.050
_cell.angle_alpha   90.000
_cell.angle_beta   90.000
_cell.angle_gamma   90.000
#
_symmetry.space_group_name_H-M   'P 21 21 2'
#
loop_
_entity.id
_entity.type
_entity.pdbx_description
1 polymer 'Carbonic anhydrase 7'
2 non-polymer 'ZINC ION'
3 non-polymer 4-[4-(2-chlorophenyl)carbonylpiperazin-1-yl]carbonylbenzenesulfonamide
4 non-polymer GLYCEROL
5 water water
#
_entity_poly.entity_id   1
_entity_poly.type   'polypeptide(L)'
_entity_poly.pdbx_seq_one_letter_code
;MGMTGHHGWGYGQDDGPSHWHKLYPIAQGDRQSPINIISSQAVYSPSLQPLELSYEACMSLSITNNGHSVQVDFNDSDDR
TVVTGGPLEGPYRLKQFHFHWGKKHDVGSEHTVDGKSFPSELHLVHWNAKKYSTFGEAASAPDGLAVVGVFLETGDEHPS
MNRLTDALYMVRFKGTKAQFSCFNPKSLLPASRHYWTYPGSLTTPPLSESVTWIVLREPISISERQMGKFRSLLFTSEDD
ERIHMVNNFRPPQPLKGRVVKASFRALEHHHHHH
;
_entity_poly.pdbx_strand_id   A
#
# COMPACT_ATOMS: atom_id res chain seq x y z
N GLY A 8 -1.75 -16.29 13.18
CA GLY A 8 -0.60 -17.02 12.59
C GLY A 8 0.60 -16.10 12.36
N TRP A 9 0.34 -14.96 11.73
CA TRP A 9 1.41 -14.01 11.45
C TRP A 9 1.02 -12.61 11.89
N GLY A 10 2.03 -11.79 12.16
CA GLY A 10 1.78 -10.43 12.59
C GLY A 10 3.01 -9.58 12.44
N TYR A 11 3.16 -8.60 13.32
CA TYR A 11 4.30 -7.70 13.30
C TYR A 11 4.93 -7.62 14.69
N GLY A 12 4.60 -8.59 15.53
CA GLY A 12 5.12 -8.64 16.88
C GLY A 12 6.47 -9.33 16.93
N GLN A 13 7.08 -9.33 18.11
CA GLN A 13 8.40 -9.93 18.27
C GLN A 13 8.42 -11.42 17.92
N ASP A 14 7.33 -12.12 18.19
CA ASP A 14 7.28 -13.56 17.92
C ASP A 14 6.68 -13.97 16.57
N ASP A 15 5.91 -13.10 15.95
CA ASP A 15 5.27 -13.49 14.68
C ASP A 15 5.55 -12.54 13.53
N GLY A 16 6.54 -11.67 13.70
CA GLY A 16 6.88 -10.67 12.70
C GLY A 16 7.51 -11.12 11.40
N PRO A 17 7.76 -10.17 10.47
CA PRO A 17 8.36 -10.43 9.15
C PRO A 17 9.61 -11.30 9.13
N SER A 18 10.45 -11.21 10.15
CA SER A 18 11.66 -12.01 10.15
C SER A 18 11.38 -13.50 10.23
N HIS A 19 10.17 -13.85 10.63
CA HIS A 19 9.78 -15.24 10.82
C HIS A 19 8.78 -15.78 9.79
N TRP A 20 8.22 -14.90 8.97
CA TRP A 20 7.21 -15.36 8.01
C TRP A 20 7.65 -16.49 7.11
N HIS A 21 8.93 -16.50 6.74
CA HIS A 21 9.45 -17.52 5.83
C HIS A 21 9.30 -18.93 6.38
N LYS A 22 9.11 -19.06 7.69
CA LYS A 22 8.95 -20.37 8.28
C LYS A 22 7.55 -20.94 8.02
N LEU A 23 6.60 -20.07 7.65
CA LEU A 23 5.22 -20.47 7.37
C LEU A 23 4.89 -20.36 5.88
N TYR A 24 5.45 -19.35 5.22
CA TYR A 24 5.23 -19.13 3.80
C TYR A 24 6.59 -19.09 3.13
N PRO A 25 7.08 -20.25 2.68
CA PRO A 25 8.39 -20.33 2.03
C PRO A 25 8.64 -19.40 0.85
N ILE A 26 7.59 -18.92 0.19
CA ILE A 26 7.79 -18.04 -0.95
C ILE A 26 8.39 -16.70 -0.48
N ALA A 27 8.43 -16.49 0.83
CA ALA A 27 9.03 -15.28 1.38
C ALA A 27 10.50 -15.14 0.91
N GLN A 28 11.10 -16.26 0.49
CA GLN A 28 12.50 -16.27 0.02
C GLN A 28 12.57 -16.29 -1.51
N GLY A 29 11.47 -15.96 -2.17
CA GLY A 29 11.42 -15.97 -3.63
C GLY A 29 12.25 -14.95 -4.37
N ASP A 30 12.20 -15.01 -5.70
CA ASP A 30 12.99 -14.11 -6.55
C ASP A 30 12.29 -12.81 -6.91
N ARG A 31 11.05 -12.62 -6.48
CA ARG A 31 10.32 -11.40 -6.81
C ARG A 31 9.57 -10.88 -5.60
N GLN A 32 10.26 -10.79 -4.48
CA GLN A 32 9.64 -10.33 -3.24
C GLN A 32 9.68 -8.81 -3.06
N SER A 33 8.68 -8.30 -2.33
CA SER A 33 8.53 -6.87 -2.04
C SER A 33 8.40 -6.65 -0.53
N PRO A 34 8.72 -5.44 -0.03
CA PRO A 34 9.19 -4.25 -0.76
C PRO A 34 10.66 -4.35 -1.07
N ILE A 35 11.20 -3.29 -1.66
CA ILE A 35 12.61 -3.22 -1.99
C ILE A 35 13.12 -1.82 -1.70
N ASN A 36 14.45 -1.69 -1.69
CA ASN A 36 15.10 -0.41 -1.53
C ASN A 36 15.37 0.02 -2.97
N ILE A 37 14.76 1.14 -3.35
CA ILE A 37 14.92 1.66 -4.68
C ILE A 37 16.15 2.55 -4.71
N ILE A 38 17.16 2.13 -5.48
CA ILE A 38 18.39 2.91 -5.63
C ILE A 38 18.11 3.74 -6.87
N SER A 39 17.78 5.00 -6.66
CA SER A 39 17.40 5.88 -7.76
C SER A 39 18.37 5.94 -8.93
N SER A 40 19.67 5.98 -8.63
CA SER A 40 20.67 6.06 -9.69
C SER A 40 20.72 4.80 -10.55
N GLN A 41 20.21 3.69 -10.04
CA GLN A 41 20.22 2.43 -10.78
C GLN A 41 18.92 2.12 -11.50
N ALA A 42 17.90 2.95 -11.32
CA ALA A 42 16.64 2.70 -12.03
C ALA A 42 16.85 3.03 -13.50
N VAL A 43 16.18 2.29 -14.38
CA VAL A 43 16.31 2.50 -15.83
C VAL A 43 15.23 3.45 -16.31
N TYR A 44 15.64 4.57 -16.92
CA TYR A 44 14.67 5.51 -17.43
C TYR A 44 13.95 4.82 -18.59
N SER A 45 12.63 4.72 -18.50
CA SER A 45 11.85 4.06 -19.53
C SER A 45 10.74 4.93 -20.10
N PRO A 46 11.08 5.77 -21.10
CA PRO A 46 10.13 6.68 -21.75
C PRO A 46 9.07 5.94 -22.58
N SER A 47 9.34 4.69 -22.93
CA SER A 47 8.41 3.89 -23.72
C SER A 47 7.13 3.64 -22.93
N LEU A 48 7.23 3.67 -21.61
CA LEU A 48 6.08 3.45 -20.73
C LEU A 48 4.99 4.48 -21.04
N GLN A 49 3.73 4.04 -20.94
CA GLN A 49 2.57 4.90 -21.21
C GLN A 49 2.29 5.79 -19.98
N PRO A 50 1.61 6.93 -20.18
CA PRO A 50 1.34 7.77 -19.00
C PRO A 50 0.46 7.03 -17.99
N LEU A 51 0.80 7.18 -16.71
CA LEU A 51 0.04 6.54 -15.64
C LEU A 51 -1.23 7.33 -15.35
N GLU A 52 -2.37 6.65 -15.37
CA GLU A 52 -3.62 7.34 -15.09
C GLU A 52 -4.37 6.67 -13.96
N LEU A 53 -4.74 7.47 -12.96
CA LEU A 53 -5.50 6.96 -11.84
C LEU A 53 -6.86 7.62 -12.00
N SER A 54 -7.80 6.88 -12.57
N SER A 54 -7.80 6.88 -12.58
CA SER A 54 -9.14 7.38 -12.83
CA SER A 54 -9.14 7.41 -12.82
C SER A 54 -10.09 6.91 -11.73
C SER A 54 -10.09 6.91 -11.74
N TYR A 55 -10.22 7.71 -10.69
CA TYR A 55 -11.07 7.37 -9.55
C TYR A 55 -12.36 8.15 -9.39
N GLU A 56 -13.46 7.43 -9.13
CA GLU A 56 -14.78 8.01 -8.90
C GLU A 56 -14.81 8.53 -7.46
N ALA A 57 -15.72 9.46 -7.17
CA ALA A 57 -15.81 10.05 -5.83
C ALA A 57 -16.55 9.20 -4.80
N CYS A 58 -17.56 8.43 -5.23
CA CYS A 58 -18.32 7.64 -4.27
C CYS A 58 -18.35 6.15 -4.54
N MET A 59 -17.20 5.52 -4.44
CA MET A 59 -17.10 4.09 -4.64
C MET A 59 -16.63 3.41 -3.35
N SER A 60 -16.32 4.21 -2.33
CA SER A 60 -15.84 3.66 -1.06
C SER A 60 -16.99 3.07 -0.27
N LEU A 61 -16.72 1.99 0.45
CA LEU A 61 -17.77 1.31 1.22
C LEU A 61 -17.64 1.42 2.72
N SER A 62 -16.46 1.03 3.23
CA SER A 62 -16.23 0.98 4.67
C SER A 62 -14.76 1.17 5.02
N ILE A 63 -14.52 1.31 6.32
CA ILE A 63 -13.18 1.46 6.84
C ILE A 63 -13.11 0.39 7.93
N THR A 64 -12.05 -0.43 7.90
CA THR A 64 -11.92 -1.54 8.84
C THR A 64 -10.55 -1.69 9.49
N ASN A 65 -10.54 -2.06 10.76
CA ASN A 65 -9.27 -2.37 11.44
C ASN A 65 -9.28 -3.89 11.38
N ASN A 66 -8.40 -4.46 10.56
CA ASN A 66 -8.38 -5.91 10.41
C ASN A 66 -7.29 -6.56 11.24
N GLY A 67 -6.73 -5.82 12.19
CA GLY A 67 -5.67 -6.33 13.02
C GLY A 67 -4.26 -6.17 12.47
N HIS A 68 -4.16 -5.89 11.17
CA HIS A 68 -2.86 -5.70 10.52
C HIS A 68 -2.66 -4.28 10.00
N SER A 69 -3.76 -3.61 9.69
CA SER A 69 -3.73 -2.22 9.19
C SER A 69 -5.15 -1.67 9.26
N VAL A 70 -5.34 -0.46 8.77
CA VAL A 70 -6.70 0.10 8.66
C VAL A 70 -6.91 0.10 7.13
N GLN A 71 -8.03 -0.46 6.70
CA GLN A 71 -8.30 -0.64 5.26
C GLN A 71 -9.65 -0.09 4.83
N VAL A 72 -9.66 0.60 3.68
CA VAL A 72 -10.89 1.14 3.11
C VAL A 72 -11.20 0.29 1.89
N ASP A 73 -12.38 -0.30 1.88
CA ASP A 73 -12.80 -1.15 0.78
C ASP A 73 -13.68 -0.43 -0.23
N PHE A 74 -13.60 -0.86 -1.48
CA PHE A 74 -14.34 -0.25 -2.58
C PHE A 74 -15.25 -1.19 -3.34
N ASN A 75 -16.24 -0.60 -3.99
CA ASN A 75 -17.13 -1.36 -4.85
C ASN A 75 -16.28 -1.59 -6.09
N ASP A 76 -16.05 -2.85 -6.46
CA ASP A 76 -15.23 -3.13 -7.64
C ASP A 76 -16.02 -3.95 -8.66
N SER A 77 -17.32 -3.74 -8.71
CA SER A 77 -18.17 -4.47 -9.64
C SER A 77 -18.02 -4.04 -11.10
N ASP A 78 -17.39 -2.89 -11.33
CA ASP A 78 -17.16 -2.41 -12.70
C ASP A 78 -15.81 -1.70 -12.80
N ASP A 79 -15.49 -1.19 -13.99
CA ASP A 79 -14.22 -0.50 -14.19
C ASP A 79 -14.29 1.01 -14.06
N ARG A 80 -15.03 1.50 -13.07
CA ARG A 80 -15.14 2.94 -12.85
C ARG A 80 -13.93 3.54 -12.15
N THR A 81 -13.44 2.84 -11.14
CA THR A 81 -12.29 3.29 -10.35
C THR A 81 -11.11 2.38 -10.67
N VAL A 82 -10.27 2.82 -11.59
CA VAL A 82 -9.15 2.00 -12.05
C VAL A 82 -7.83 2.71 -12.23
N VAL A 83 -6.78 1.91 -12.36
CA VAL A 83 -5.46 2.46 -12.68
C VAL A 83 -5.14 1.88 -14.05
N THR A 84 -4.55 2.71 -14.91
CA THR A 84 -4.18 2.25 -16.24
C THR A 84 -2.91 2.95 -16.70
N GLY A 85 -2.35 2.48 -17.81
CA GLY A 85 -1.14 3.11 -18.32
C GLY A 85 0.11 2.72 -17.58
N GLY A 86 1.18 3.47 -17.79
CA GLY A 86 2.44 3.14 -17.15
C GLY A 86 2.85 1.75 -17.61
N PRO A 87 3.18 0.85 -16.67
CA PRO A 87 3.61 -0.50 -17.02
C PRO A 87 2.46 -1.47 -17.30
N LEU A 88 1.23 -1.02 -17.09
CA LEU A 88 0.08 -1.90 -17.28
C LEU A 88 -0.45 -1.96 -18.70
N GLU A 89 -0.87 -3.15 -19.11
CA GLU A 89 -1.39 -3.34 -20.45
C GLU A 89 -2.83 -2.87 -20.55
N GLY A 90 -3.58 -3.04 -19.45
CA GLY A 90 -4.96 -2.62 -19.43
C GLY A 90 -5.34 -2.14 -18.04
N PRO A 91 -6.61 -1.82 -17.79
CA PRO A 91 -7.08 -1.35 -16.49
C PRO A 91 -7.16 -2.40 -15.38
N TYR A 92 -6.86 -1.95 -14.16
CA TYR A 92 -6.95 -2.79 -12.96
C TYR A 92 -7.89 -2.03 -12.01
N ARG A 93 -8.92 -2.72 -11.51
CA ARG A 93 -9.90 -2.09 -10.63
C ARG A 93 -9.45 -1.96 -9.18
N LEU A 94 -9.72 -0.81 -8.58
CA LEU A 94 -9.35 -0.60 -7.18
C LEU A 94 -10.22 -1.45 -6.25
N LYS A 95 -9.57 -2.24 -5.41
CA LYS A 95 -10.32 -3.09 -4.47
C LYS A 95 -10.31 -2.48 -3.07
N GLN A 96 -9.17 -1.95 -2.67
CA GLN A 96 -9.05 -1.40 -1.32
C GLN A 96 -7.75 -0.62 -1.20
N PHE A 97 -7.65 0.19 -0.14
CA PHE A 97 -6.38 0.85 0.16
C PHE A 97 -6.15 0.70 1.64
N HIS A 98 -4.89 0.70 2.04
CA HIS A 98 -4.52 0.56 3.45
C HIS A 98 -3.16 1.22 3.65
N PHE A 99 -2.65 1.22 4.88
CA PHE A 99 -1.37 1.88 5.17
C PHE A 99 -0.43 1.03 6.00
N HIS A 100 0.84 1.42 5.99
CA HIS A 100 1.88 0.79 6.82
C HIS A 100 2.55 1.97 7.46
N TRP A 101 2.83 1.90 8.77
CA TRP A 101 3.47 3.03 9.42
C TRP A 101 4.35 2.62 10.58
N GLY A 102 5.10 3.61 11.08
CA GLY A 102 6.02 3.32 12.16
C GLY A 102 5.69 3.96 13.49
N LYS A 103 6.59 3.74 14.44
CA LYS A 103 6.46 4.26 15.80
C LYS A 103 7.01 5.68 15.83
N LYS A 104 8.00 5.94 14.97
CA LYS A 104 8.65 7.26 14.86
C LYS A 104 8.83 7.63 13.41
N HIS A 105 9.14 8.89 13.14
CA HIS A 105 9.32 9.39 11.78
C HIS A 105 10.36 8.66 10.92
N ASP A 106 11.43 8.18 11.54
CA ASP A 106 12.49 7.51 10.81
C ASP A 106 12.15 6.13 10.26
N VAL A 107 10.96 5.62 10.57
CA VAL A 107 10.55 4.28 10.09
C VAL A 107 9.05 4.22 9.84
N GLY A 108 8.64 3.26 9.00
CA GLY A 108 7.22 3.09 8.76
C GLY A 108 6.88 2.62 7.35
N SER A 109 7.55 3.18 6.35
CA SER A 109 7.26 2.77 4.98
C SER A 109 7.84 1.38 4.73
N GLU A 110 7.34 0.74 3.68
CA GLU A 110 7.83 -0.58 3.30
C GLU A 110 8.95 -0.37 2.29
N HIS A 111 8.65 0.31 1.19
CA HIS A 111 9.70 0.62 0.25
C HIS A 111 10.57 1.73 0.84
N THR A 112 11.82 1.79 0.40
CA THR A 112 12.74 2.85 0.82
C THR A 112 13.36 3.38 -0.46
N VAL A 113 13.83 4.62 -0.41
CA VAL A 113 14.48 5.21 -1.58
C VAL A 113 15.87 5.63 -1.14
N ASP A 114 16.88 5.02 -1.76
CA ASP A 114 18.27 5.29 -1.42
C ASP A 114 18.50 5.15 0.09
N GLY A 115 17.90 4.12 0.67
CA GLY A 115 18.05 3.85 2.10
C GLY A 115 17.16 4.65 3.03
N LYS A 116 16.42 5.60 2.48
CA LYS A 116 15.54 6.44 3.28
C LYS A 116 14.14 5.88 3.42
N SER A 117 13.65 5.83 4.65
CA SER A 117 12.28 5.39 4.95
C SER A 117 11.41 6.60 5.21
N PHE A 118 10.13 6.48 4.91
CA PHE A 118 9.18 7.54 5.20
C PHE A 118 8.37 7.05 6.40
N PRO A 119 7.71 7.96 7.13
CA PRO A 119 6.94 7.52 8.30
C PRO A 119 5.75 6.62 8.00
N SER A 120 5.28 6.64 6.76
CA SER A 120 4.15 5.81 6.36
C SER A 120 4.12 5.59 4.86
N GLU A 121 3.38 4.57 4.44
CA GLU A 121 3.23 4.27 3.03
C GLU A 121 1.79 3.82 2.80
N LEU A 122 1.14 4.44 1.82
CA LEU A 122 -0.24 4.11 1.42
C LEU A 122 -0.18 3.14 0.24
N HIS A 123 -1.00 2.10 0.27
CA HIS A 123 -1.10 1.13 -0.82
C HIS A 123 -2.51 1.08 -1.36
N LEU A 124 -2.64 1.43 -2.65
CA LEU A 124 -3.91 1.37 -3.38
C LEU A 124 -3.79 0.06 -4.17
N VAL A 125 -4.60 -0.92 -3.78
CA VAL A 125 -4.55 -2.26 -4.34
C VAL A 125 -5.58 -2.47 -5.43
N HIS A 126 -5.11 -2.76 -6.64
CA HIS A 126 -6.00 -2.95 -7.80
C HIS A 126 -5.81 -4.36 -8.39
N TRP A 127 -6.85 -4.87 -9.06
CA TRP A 127 -6.76 -6.21 -9.65
C TRP A 127 -7.21 -6.27 -11.10
N ASN A 128 -6.68 -7.27 -11.81
CA ASN A 128 -6.93 -7.47 -13.23
C ASN A 128 -8.29 -8.17 -13.44
N ALA A 129 -9.36 -7.38 -13.46
CA ALA A 129 -10.70 -7.92 -13.63
C ALA A 129 -10.99 -8.34 -15.06
N LYS A 130 -10.08 -8.01 -15.98
CA LYS A 130 -10.25 -8.38 -17.37
C LYS A 130 -9.84 -9.84 -17.59
N LYS A 131 -8.90 -10.31 -16.79
CA LYS A 131 -8.41 -11.67 -16.91
C LYS A 131 -8.94 -12.64 -15.85
N TYR A 132 -9.16 -12.13 -14.64
CA TYR A 132 -9.63 -12.99 -13.55
C TYR A 132 -11.06 -12.67 -13.13
N SER A 133 -11.74 -13.66 -12.56
CA SER A 133 -13.12 -13.48 -12.14
C SER A 133 -13.30 -12.85 -10.76
N THR A 134 -12.27 -12.95 -9.92
CA THR A 134 -12.34 -12.38 -8.59
C THR A 134 -11.00 -11.86 -8.12
N PHE A 135 -11.04 -10.96 -7.15
CA PHE A 135 -9.81 -10.42 -6.59
C PHE A 135 -8.96 -11.57 -6.03
N GLY A 136 -9.60 -12.51 -5.33
CA GLY A 136 -8.89 -13.64 -4.75
C GLY A 136 -8.18 -14.46 -5.82
N GLU A 137 -8.82 -14.65 -6.96
CA GLU A 137 -8.21 -15.42 -8.03
C GLU A 137 -7.02 -14.65 -8.58
N ALA A 138 -7.20 -13.35 -8.75
CA ALA A 138 -6.12 -12.51 -9.27
C ALA A 138 -4.93 -12.40 -8.32
N ALA A 139 -5.19 -12.38 -7.03
CA ALA A 139 -4.12 -12.23 -6.05
C ALA A 139 -3.03 -13.30 -6.13
N SER A 140 -3.30 -14.38 -6.87
CA SER A 140 -2.32 -15.46 -6.99
C SER A 140 -1.60 -15.59 -8.33
N ALA A 141 -2.00 -14.77 -9.30
CA ALA A 141 -1.41 -14.81 -10.64
C ALA A 141 -0.38 -13.71 -10.86
N PRO A 142 0.69 -13.98 -11.62
CA PRO A 142 1.77 -13.01 -11.89
C PRO A 142 1.34 -11.63 -12.39
N ASP A 143 0.29 -11.60 -13.18
CA ASP A 143 -0.21 -10.34 -13.73
C ASP A 143 -1.54 -9.99 -13.08
N GLY A 144 -1.76 -10.50 -11.86
CA GLY A 144 -3.04 -10.28 -11.22
C GLY A 144 -3.34 -8.97 -10.52
N LEU A 145 -2.32 -8.40 -9.89
CA LEU A 145 -2.48 -7.18 -9.11
C LEU A 145 -1.55 -6.05 -9.52
N ALA A 146 -2.01 -4.84 -9.28
CA ALA A 146 -1.21 -3.64 -9.52
C ALA A 146 -1.39 -2.84 -8.27
N VAL A 147 -0.32 -2.59 -7.53
CA VAL A 147 -0.44 -1.80 -6.31
C VAL A 147 0.30 -0.48 -6.48
N VAL A 148 -0.40 0.63 -6.25
CA VAL A 148 0.24 1.94 -6.32
C VAL A 148 0.63 2.31 -4.91
N GLY A 149 1.91 2.60 -4.72
CA GLY A 149 2.40 2.98 -3.40
C GLY A 149 2.65 4.49 -3.33
N VAL A 150 2.19 5.13 -2.26
CA VAL A 150 2.40 6.56 -2.08
C VAL A 150 3.06 6.77 -0.71
N PHE A 151 4.18 7.48 -0.69
CA PHE A 151 4.86 7.73 0.56
C PHE A 151 4.16 8.87 1.29
N LEU A 152 4.15 8.79 2.63
CA LEU A 152 3.59 9.86 3.43
C LEU A 152 4.74 10.43 4.25
N GLU A 153 4.88 11.76 4.20
CA GLU A 153 5.90 12.46 4.98
C GLU A 153 5.09 13.21 6.05
N THR A 154 5.70 13.58 7.17
CA THR A 154 4.96 14.34 8.15
C THR A 154 5.38 15.80 8.03
N GLY A 155 4.40 16.69 8.13
CA GLY A 155 4.65 18.11 7.99
C GLY A 155 3.32 18.83 8.12
N ASP A 156 2.85 19.48 7.06
CA ASP A 156 1.58 20.20 7.12
C ASP A 156 0.36 19.27 7.12
N GLU A 157 -0.71 19.73 7.73
CA GLU A 157 -1.95 18.97 7.81
C GLU A 157 -2.49 18.74 6.41
N HIS A 158 -3.07 17.57 6.20
CA HIS A 158 -3.67 17.22 4.90
C HIS A 158 -5.19 17.33 5.10
N PRO A 159 -5.84 18.32 4.45
CA PRO A 159 -7.29 18.52 4.58
C PRO A 159 -8.16 17.30 4.35
N SER A 160 -7.97 16.65 3.20
CA SER A 160 -8.80 15.49 2.89
C SER A 160 -8.55 14.33 3.84
N MET A 161 -7.33 14.21 4.34
CA MET A 161 -7.00 13.12 5.24
C MET A 161 -7.82 13.19 6.52
N ASN A 162 -8.21 14.39 6.93
CA ASN A 162 -8.99 14.54 8.17
C ASN A 162 -10.23 13.67 8.26
N ARG A 163 -10.92 13.49 7.15
CA ARG A 163 -12.11 12.68 7.18
C ARG A 163 -11.76 11.25 7.53
N LEU A 164 -10.57 10.81 7.14
CA LEU A 164 -10.15 9.46 7.45
C LEU A 164 -9.58 9.38 8.87
N THR A 165 -8.67 10.29 9.22
CA THR A 165 -8.10 10.20 10.56
C THR A 165 -9.14 10.42 11.66
N ASP A 166 -10.19 11.19 11.36
CA ASP A 166 -11.24 11.41 12.36
C ASP A 166 -12.08 10.15 12.55
N ALA A 167 -12.10 9.27 11.55
CA ALA A 167 -12.87 8.04 11.64
C ALA A 167 -12.13 6.92 12.35
N LEU A 168 -10.84 7.11 12.60
CA LEU A 168 -10.04 6.05 13.22
C LEU A 168 -10.47 5.64 14.63
N TYR A 169 -10.99 6.58 15.40
CA TYR A 169 -11.45 6.28 16.75
C TYR A 169 -12.43 5.12 16.74
N MET A 170 -13.39 5.16 15.81
CA MET A 170 -14.42 4.13 15.72
C MET A 170 -13.92 2.76 15.33
N VAL A 171 -12.70 2.66 14.82
CA VAL A 171 -12.16 1.35 14.49
C VAL A 171 -10.84 1.12 15.22
N ARG A 172 -10.70 1.68 16.42
CA ARG A 172 -9.44 1.51 17.15
C ARG A 172 -9.14 0.06 17.51
N PHE A 173 -10.16 -0.72 17.80
CA PHE A 173 -9.96 -2.12 18.15
C PHE A 173 -9.98 -3.06 16.94
N LYS A 174 -9.20 -4.12 17.04
CA LYS A 174 -9.14 -5.11 15.97
C LYS A 174 -10.52 -5.69 15.72
N GLY A 175 -10.84 -5.91 14.44
CA GLY A 175 -12.12 -6.50 14.11
C GLY A 175 -13.32 -5.58 14.09
N THR A 176 -13.09 -4.27 14.04
CA THR A 176 -14.21 -3.35 13.99
C THR A 176 -14.24 -2.61 12.66
N LYS A 177 -15.42 -2.17 12.26
CA LYS A 177 -15.56 -1.46 10.98
C LYS A 177 -16.66 -0.41 11.04
N ALA A 178 -16.61 0.52 10.10
CA ALA A 178 -17.60 1.58 10.01
C ALA A 178 -17.89 1.93 8.56
N GLN A 179 -19.10 2.40 8.31
CA GLN A 179 -19.44 2.78 6.96
C GLN A 179 -18.52 3.97 6.61
N PHE A 180 -18.07 4.05 5.36
CA PHE A 180 -17.18 5.14 4.93
C PHE A 180 -17.52 5.49 3.49
N SER A 181 -18.53 6.34 3.33
CA SER A 181 -19.01 6.70 2.01
C SER A 181 -18.44 7.96 1.42
N CYS A 182 -18.42 7.97 0.08
CA CYS A 182 -17.93 9.08 -0.69
C CYS A 182 -16.58 9.66 -0.34
N PHE A 183 -15.60 8.79 -0.13
CA PHE A 183 -14.24 9.25 0.10
C PHE A 183 -13.54 8.94 -1.23
N ASN A 184 -13.01 9.96 -1.89
CA ASN A 184 -12.34 9.78 -3.17
C ASN A 184 -10.84 9.57 -2.93
N PRO A 185 -10.33 8.38 -3.25
CA PRO A 185 -8.90 8.09 -3.06
C PRO A 185 -7.99 9.03 -3.84
N LYS A 186 -8.53 9.72 -4.84
CA LYS A 186 -7.71 10.67 -5.61
C LYS A 186 -7.19 11.78 -4.67
N SER A 187 -7.91 12.02 -3.58
CA SER A 187 -7.53 13.06 -2.64
C SER A 187 -6.23 12.75 -1.88
N LEU A 188 -5.81 11.49 -1.91
CA LEU A 188 -4.57 11.08 -1.23
C LEU A 188 -3.38 10.94 -2.20
N LEU A 189 -3.51 11.49 -3.40
CA LEU A 189 -2.43 11.40 -4.38
C LEU A 189 -1.70 12.71 -4.49
N PRO A 190 -0.41 12.65 -4.84
CA PRO A 190 0.42 13.85 -5.00
C PRO A 190 0.10 14.49 -6.36
N ALA A 191 0.63 15.68 -6.60
CA ALA A 191 0.34 16.35 -7.87
C ALA A 191 1.16 15.83 -9.05
N SER A 192 2.02 14.85 -8.79
CA SER A 192 2.84 14.28 -9.85
C SER A 192 2.50 12.82 -10.07
N ARG A 193 2.63 12.35 -11.30
CA ARG A 193 2.36 10.96 -11.61
C ARG A 193 3.64 10.23 -12.01
N HIS A 194 4.79 10.79 -11.66
CA HIS A 194 6.06 10.11 -11.97
C HIS A 194 6.18 8.94 -10.99
N TYR A 195 6.79 7.85 -11.45
CA TYR A 195 6.89 6.65 -10.62
C TYR A 195 8.04 5.73 -10.97
N TRP A 196 8.22 4.73 -10.11
CA TRP A 196 9.18 3.67 -10.29
C TRP A 196 8.31 2.43 -10.42
N THR A 197 8.71 1.46 -11.20
CA THR A 197 7.91 0.24 -11.29
C THR A 197 8.80 -1.00 -11.41
N TYR A 198 8.36 -2.09 -10.79
CA TYR A 198 9.11 -3.34 -10.86
C TYR A 198 8.18 -4.49 -10.53
N PRO A 199 8.53 -5.72 -10.96
CA PRO A 199 7.70 -6.88 -10.67
C PRO A 199 7.98 -7.35 -9.24
N GLY A 200 6.92 -7.49 -8.45
CA GLY A 200 7.09 -7.91 -7.08
C GLY A 200 6.00 -8.80 -6.51
N SER A 201 5.77 -8.64 -5.21
CA SER A 201 4.84 -9.47 -4.47
C SER A 201 3.98 -8.71 -3.48
N LEU A 202 3.02 -9.44 -2.88
CA LEU A 202 2.23 -8.91 -1.79
C LEU A 202 3.27 -8.79 -0.66
N THR A 203 3.13 -7.76 0.19
CA THR A 203 4.07 -7.60 1.29
C THR A 203 3.59 -8.21 2.61
N THR A 204 2.51 -8.99 2.56
CA THR A 204 2.01 -9.69 3.73
C THR A 204 1.67 -11.09 3.23
N PRO A 205 1.63 -12.06 4.14
CA PRO A 205 1.28 -13.42 3.74
C PRO A 205 -0.02 -13.32 2.92
N PRO A 206 -0.20 -14.18 1.90
CA PRO A 206 0.67 -15.25 1.43
C PRO A 206 1.95 -14.92 0.67
N LEU A 207 2.25 -13.62 0.54
CA LEU A 207 3.46 -13.16 -0.14
C LEU A 207 3.58 -13.58 -1.61
N SER A 208 2.43 -13.84 -2.25
CA SER A 208 2.41 -14.26 -3.66
C SER A 208 3.06 -13.22 -4.57
N GLU A 209 3.77 -13.69 -5.60
CA GLU A 209 4.48 -12.80 -6.53
C GLU A 209 3.59 -12.47 -7.70
N SER A 210 2.53 -11.75 -7.36
CA SER A 210 1.46 -11.39 -8.28
C SER A 210 1.27 -9.90 -8.46
N VAL A 211 2.23 -9.10 -8.01
CA VAL A 211 2.07 -7.66 -8.06
C VAL A 211 2.99 -6.87 -8.95
N THR A 212 2.40 -5.99 -9.78
CA THR A 212 3.20 -5.05 -10.55
C THR A 212 3.17 -3.81 -9.63
N TRP A 213 4.31 -3.46 -9.07
CA TRP A 213 4.41 -2.32 -8.18
C TRP A 213 4.63 -1.02 -8.95
N ILE A 214 3.91 0.01 -8.52
CA ILE A 214 4.04 1.35 -9.10
C ILE A 214 4.19 2.26 -7.88
N VAL A 215 5.41 2.70 -7.61
CA VAL A 215 5.69 3.51 -6.44
C VAL A 215 5.86 4.96 -6.88
N LEU A 216 4.97 5.84 -6.43
CA LEU A 216 5.08 7.23 -6.86
C LEU A 216 6.30 7.93 -6.29
N ARG A 217 6.92 8.75 -7.12
CA ARG A 217 8.10 9.52 -6.74
C ARG A 217 7.85 10.55 -5.65
N GLU A 218 6.74 11.27 -5.76
CA GLU A 218 6.39 12.35 -4.82
C GLU A 218 5.55 11.91 -3.63
N PRO A 219 6.01 12.22 -2.42
CA PRO A 219 5.23 11.84 -1.24
C PRO A 219 4.12 12.86 -0.99
N ILE A 220 3.12 12.47 -0.20
CA ILE A 220 2.12 13.45 0.19
C ILE A 220 2.50 13.75 1.63
N SER A 221 1.93 14.79 2.20
CA SER A 221 2.27 15.15 3.57
C SER A 221 1.04 15.21 4.45
N ILE A 222 1.17 14.73 5.70
CA ILE A 222 0.08 14.83 6.66
C ILE A 222 0.73 15.36 7.93
N SER A 223 -0.06 15.85 8.89
CA SER A 223 0.53 16.40 10.10
C SER A 223 0.92 15.32 11.09
N GLU A 224 1.77 15.70 12.05
CA GLU A 224 2.17 14.74 13.07
C GLU A 224 0.92 14.35 13.85
N ARG A 225 -0.02 15.28 14.01
CA ARG A 225 -1.25 14.98 14.72
C ARG A 225 -2.02 13.89 13.97
N GLN A 226 -2.14 14.05 12.65
CA GLN A 226 -2.84 13.06 11.83
C GLN A 226 -2.13 11.70 11.91
N MET A 227 -0.81 11.72 11.82
CA MET A 227 -0.04 10.47 11.91
C MET A 227 -0.32 9.81 13.26
N GLY A 228 -0.44 10.65 14.28
CA GLY A 228 -0.72 10.14 15.62
C GLY A 228 -2.03 9.37 15.71
N LYS A 229 -3.01 9.72 14.89
CA LYS A 229 -4.30 9.03 14.89
C LYS A 229 -4.12 7.57 14.44
N PHE A 230 -3.18 7.33 13.53
CA PHE A 230 -2.92 5.96 13.07
C PHE A 230 -2.23 5.20 14.20
N ARG A 231 -1.28 5.86 14.85
CA ARG A 231 -0.56 5.21 15.92
C ARG A 231 -1.45 4.94 17.12
N SER A 232 -2.66 5.48 17.13
CA SER A 232 -3.59 5.25 18.24
C SER A 232 -4.41 3.99 18.03
N LEU A 233 -4.34 3.43 16.82
CA LEU A 233 -5.06 2.20 16.51
C LEU A 233 -4.39 1.08 17.30
N LEU A 234 -5.10 -0.03 17.48
CA LEU A 234 -4.56 -1.17 18.21
C LEU A 234 -4.55 -2.47 17.39
N PHE A 235 -3.56 -3.32 17.63
CA PHE A 235 -3.43 -4.63 16.99
C PHE A 235 -4.40 -5.54 17.72
N THR A 236 -4.79 -5.11 18.92
CA THR A 236 -5.62 -5.89 19.80
C THR A 236 -7.12 -5.59 19.87
N SER A 237 -7.86 -6.57 20.38
CA SER A 237 -9.31 -6.43 20.51
C SER A 237 -9.65 -5.73 21.83
N GLU A 238 -10.91 -5.31 21.93
CA GLU A 238 -11.45 -4.58 23.07
C GLU A 238 -11.04 -5.03 24.48
N ASP A 239 -11.19 -6.32 24.77
CA ASP A 239 -10.85 -6.82 26.12
C ASP A 239 -9.46 -7.43 26.27
N ASP A 240 -8.56 -7.10 25.36
CA ASP A 240 -7.20 -7.62 25.46
C ASP A 240 -6.25 -6.53 25.94
N GLU A 241 -5.09 -6.95 26.43
CA GLU A 241 -4.09 -6.00 26.87
C GLU A 241 -3.76 -5.21 25.60
N ARG A 242 -3.91 -3.90 25.68
CA ARG A 242 -3.69 -3.05 24.52
C ARG A 242 -2.26 -3.02 24.01
N ILE A 243 -2.12 -3.26 22.70
CA ILE A 243 -0.84 -3.22 22.03
C ILE A 243 -1.13 -2.33 20.83
N HIS A 244 -0.48 -1.18 20.75
CA HIS A 244 -0.74 -0.27 19.64
C HIS A 244 -0.21 -0.75 18.31
N MET A 245 -1.00 -0.47 17.28
CA MET A 245 -0.65 -0.84 15.91
C MET A 245 0.39 0.14 15.36
N VAL A 246 1.64 -0.28 15.40
CA VAL A 246 2.76 0.49 14.88
C VAL A 246 3.78 -0.51 14.33
N ASN A 247 4.65 -0.01 13.45
CA ASN A 247 5.67 -0.80 12.80
C ASN A 247 5.07 -2.00 12.08
N ASN A 248 3.92 -1.78 11.43
CA ASN A 248 3.27 -2.86 10.69
C ASN A 248 3.76 -2.82 9.24
N PHE A 249 5.07 -2.98 9.07
CA PHE A 249 5.69 -2.98 7.76
C PHE A 249 6.69 -4.11 7.62
N ARG A 250 6.90 -4.54 6.37
CA ARG A 250 7.86 -5.58 6.05
C ARG A 250 9.07 -4.82 5.49
N PRO A 251 10.28 -5.18 5.93
CA PRO A 251 11.51 -4.52 5.45
C PRO A 251 11.88 -4.90 4.01
N PRO A 252 12.81 -4.14 3.40
CA PRO A 252 13.27 -4.39 2.02
C PRO A 252 13.82 -5.80 1.81
N GLN A 253 13.48 -6.37 0.66
CA GLN A 253 13.89 -7.71 0.28
C GLN A 253 14.91 -7.67 -0.86
N PRO A 254 15.67 -8.76 -1.04
CA PRO A 254 16.66 -8.81 -2.12
C PRO A 254 16.10 -8.55 -3.51
N LEU A 255 16.76 -7.70 -4.28
CA LEU A 255 16.30 -7.37 -5.64
C LEU A 255 16.44 -8.56 -6.57
N LYS A 256 17.47 -9.38 -6.34
CA LYS A 256 17.71 -10.57 -7.14
C LYS A 256 17.72 -10.34 -8.64
N GLY A 257 18.41 -9.29 -9.06
CA GLY A 257 18.52 -9.01 -10.48
C GLY A 257 17.35 -8.36 -11.18
N ARG A 258 16.30 -8.04 -10.45
CA ARG A 258 15.16 -7.38 -11.08
C ARG A 258 15.60 -5.97 -11.48
N VAL A 259 14.92 -5.44 -12.49
CA VAL A 259 15.23 -4.11 -12.99
C VAL A 259 14.12 -3.16 -12.59
N VAL A 260 14.48 -2.07 -11.93
CA VAL A 260 13.50 -1.07 -11.53
C VAL A 260 13.50 -0.02 -12.65
N LYS A 261 12.31 0.24 -13.21
CA LYS A 261 12.18 1.24 -14.27
C LYS A 261 11.65 2.51 -13.65
N ALA A 262 12.03 3.64 -14.24
CA ALA A 262 11.58 4.95 -13.76
C ALA A 262 10.91 5.68 -14.93
N SER A 263 9.86 6.44 -14.63
CA SER A 263 9.15 7.18 -15.66
C SER A 263 9.80 8.54 -15.88
N PHE A 264 10.83 8.82 -15.10
CA PHE A 264 11.51 10.11 -15.12
C PHE A 264 13.01 9.97 -14.95
N ARG A 265 13.74 11.06 -15.21
CA ARG A 265 15.18 11.07 -15.01
C ARG A 265 15.46 11.68 -13.65
N ALA A 266 16.25 11.00 -12.82
CA ALA A 266 16.55 11.53 -11.49
C ALA A 266 17.77 12.46 -11.54
#